data_1ALG
#
_entry.id   1ALG
#
_cell.length_a   1.000
_cell.length_b   1.000
_cell.length_c   1.000
_cell.angle_alpha   90.00
_cell.angle_beta   90.00
_cell.angle_gamma   90.00
#
_symmetry.space_group_name_H-M   'P 1'
#
_entity_poly.entity_id   1
_entity_poly.type   'polypeptide(L)'
_entity_poly.pdbx_seq_one_letter_code
;QGLGCDEMLQGFAVAVKMGATKAD
;
_entity_poly.pdbx_strand_id   A
#
# COMPACT_ATOMS: atom_id res chain seq x y z
N GLN A 1 -9.98 9.30 4.58
CA GLN A 1 -9.31 7.96 4.58
C GLN A 1 -7.91 8.08 5.21
N GLY A 2 -7.36 6.98 5.64
CA GLY A 2 -6.00 6.99 6.26
C GLY A 2 -5.28 5.67 5.98
N LEU A 3 -5.57 4.65 6.76
CA LEU A 3 -4.92 3.32 6.54
C LEU A 3 -5.87 2.20 7.00
N GLY A 4 -7.07 2.16 6.46
CA GLY A 4 -8.04 1.10 6.86
C GLY A 4 -7.81 -0.17 6.03
N CYS A 5 -8.87 -0.70 5.45
CA CYS A 5 -8.73 -1.94 4.63
C CYS A 5 -8.35 -1.58 3.19
N ASP A 6 -8.99 -0.60 2.61
CA ASP A 6 -8.67 -0.20 1.21
C ASP A 6 -7.36 0.60 1.18
N GLU A 7 -7.16 1.48 2.14
CA GLU A 7 -5.91 2.31 2.15
C GLU A 7 -4.70 1.39 2.34
N MET A 8 -4.75 0.47 3.28
CA MET A 8 -3.61 -0.47 3.48
C MET A 8 -3.42 -1.30 2.20
N LEU A 9 -4.51 -1.71 1.60
CA LEU A 9 -4.44 -2.50 0.33
C LEU A 9 -3.73 -1.65 -0.74
N GLN A 10 -4.06 -0.38 -0.82
CA GLN A 10 -3.39 0.50 -1.83
C GLN A 10 -1.91 0.63 -1.49
N GLY A 11 -1.56 0.57 -0.21
CA GLY A 11 -0.12 0.68 0.19
C GLY A 11 0.64 -0.56 -0.31
N PHE A 12 -0.02 -1.68 -0.39
CA PHE A 12 0.65 -2.93 -0.90
C PHE A 12 0.68 -2.87 -2.42
N ALA A 13 -0.39 -2.38 -3.03
CA ALA A 13 -0.45 -2.27 -4.51
C ALA A 13 0.66 -1.31 -5.00
N VAL A 14 0.84 -0.20 -4.31
CA VAL A 14 1.90 0.78 -4.71
C VAL A 14 3.28 0.23 -4.32
N ALA A 15 3.38 -0.45 -3.20
CA ALA A 15 4.69 -1.02 -2.77
C ALA A 15 5.14 -2.10 -3.75
N VAL A 16 4.27 -3.05 -4.03
CA VAL A 16 4.63 -4.14 -4.97
C VAL A 16 4.87 -3.57 -6.37
N LYS A 17 4.17 -2.51 -6.73
CA LYS A 17 4.37 -1.89 -8.07
C LYS A 17 5.70 -1.15 -8.11
N MET A 18 6.06 -0.47 -7.04
CA MET A 18 7.35 0.28 -7.00
C MET A 18 8.51 -0.70 -6.77
N GLY A 19 8.39 -1.55 -5.77
CA GLY A 19 9.47 -2.54 -5.48
C GLY A 19 10.47 -1.94 -4.47
N ALA A 20 10.04 -1.72 -3.26
CA ALA A 20 10.95 -1.13 -2.23
C ALA A 20 10.71 -1.81 -0.87
N THR A 21 9.51 -1.68 -0.33
CA THR A 21 9.20 -2.31 0.99
C THR A 21 7.73 -2.79 1.01
N LYS A 22 7.17 -2.97 2.19
CA LYS A 22 5.74 -3.44 2.29
C LYS A 22 4.77 -2.34 1.84
N ALA A 23 5.14 -1.10 2.02
CA ALA A 23 4.24 0.03 1.61
C ALA A 23 5.08 1.18 1.04
N ASP A 24 4.82 1.56 -0.19
CA ASP A 24 5.61 2.68 -0.82
C ASP A 24 4.65 3.65 -1.51
N GLN A 1 -7.12 9.86 0.02
CA GLN A 1 -6.83 8.52 0.63
C GLN A 1 -5.69 8.65 1.64
N GLY A 2 -5.95 8.34 2.89
CA GLY A 2 -4.90 8.44 3.94
C GLY A 2 -4.59 7.04 4.48
N LEU A 3 -5.42 6.53 5.35
CA LEU A 3 -5.19 5.17 5.92
C LEU A 3 -6.54 4.56 6.34
N GLY A 4 -6.82 3.37 5.86
CA GLY A 4 -8.12 2.71 6.21
C GLY A 4 -8.19 1.32 5.57
N CYS A 5 -9.29 0.99 4.94
CA CYS A 5 -9.43 -0.34 4.29
C CYS A 5 -8.84 -0.31 2.87
N ASP A 6 -9.15 0.71 2.11
CA ASP A 6 -8.61 0.80 0.71
C ASP A 6 -7.19 1.37 0.73
N GLU A 7 -6.92 2.33 1.60
CA GLU A 7 -5.55 2.93 1.66
C GLU A 7 -4.54 1.86 2.09
N MET A 8 -4.85 1.06 3.08
CA MET A 8 -3.92 -0.01 3.52
C MET A 8 -3.72 -1.00 2.36
N LEU A 9 -4.79 -1.31 1.65
CA LEU A 9 -4.72 -2.23 0.49
C LEU A 9 -3.77 -1.63 -0.56
N GLN A 10 -3.88 -0.34 -0.80
CA GLN A 10 -2.98 0.33 -1.81
C GLN A 10 -1.52 0.23 -1.32
N GLY A 11 -1.31 0.24 -0.02
CA GLY A 11 0.08 0.14 0.51
C GLY A 11 0.65 -1.25 0.20
N PHE A 12 -0.19 -2.26 0.15
CA PHE A 12 0.30 -3.63 -0.18
C PHE A 12 0.46 -3.75 -1.70
N ALA A 13 -0.45 -3.15 -2.44
CA ALA A 13 -0.39 -3.20 -3.92
C ALA A 13 0.85 -2.43 -4.40
N VAL A 14 1.06 -1.24 -3.89
CA VAL A 14 2.26 -0.44 -4.31
C VAL A 14 3.54 -1.16 -3.87
N ALA A 15 3.53 -1.79 -2.72
CA ALA A 15 4.74 -2.51 -2.23
C ALA A 15 5.02 -3.73 -3.12
N VAL A 16 4.02 -4.53 -3.37
CA VAL A 16 4.23 -5.75 -4.22
C VAL A 16 4.47 -5.35 -5.69
N LYS A 17 3.85 -4.28 -6.13
CA LYS A 17 4.04 -3.84 -7.55
C LYS A 17 5.44 -3.22 -7.73
N MET A 18 5.88 -2.43 -6.78
CA MET A 18 7.23 -1.80 -6.89
C MET A 18 8.32 -2.79 -6.45
N GLY A 19 8.03 -3.62 -5.47
CA GLY A 19 9.03 -4.61 -4.98
C GLY A 19 9.70 -4.08 -3.72
N ALA A 20 8.94 -3.54 -2.80
CA ALA A 20 9.51 -2.99 -1.54
C ALA A 20 8.42 -2.92 -0.47
N THR A 21 8.46 -3.81 0.49
CA THR A 21 7.42 -3.81 1.57
C THR A 21 7.73 -2.71 2.60
N LYS A 22 8.99 -2.52 2.93
CA LYS A 22 9.36 -1.47 3.92
C LYS A 22 9.20 -0.08 3.29
N ALA A 23 9.68 0.10 2.08
CA ALA A 23 9.57 1.42 1.40
C ALA A 23 8.14 1.61 0.85
N ASP A 24 7.83 0.97 -0.26
CA ASP A 24 6.46 1.10 -0.84
C ASP A 24 5.47 0.31 0.00
N GLN A 1 -15.43 6.64 1.72
CA GLN A 1 -13.99 6.26 1.72
C GLN A 1 -13.69 5.34 2.91
N GLY A 2 -13.02 4.24 2.66
CA GLY A 2 -12.67 3.29 3.76
C GLY A 2 -11.35 3.72 4.41
N LEU A 3 -11.38 4.77 5.20
CA LEU A 3 -10.13 5.24 5.88
C LEU A 3 -9.48 4.10 6.67
N GLY A 4 -8.16 4.04 6.65
CA GLY A 4 -7.45 2.95 7.38
C GLY A 4 -7.23 1.76 6.44
N CYS A 5 -8.29 1.15 5.99
CA CYS A 5 -8.17 -0.01 5.06
C CYS A 5 -7.72 0.45 3.67
N ASP A 6 -8.29 1.51 3.16
CA ASP A 6 -7.89 2.02 1.81
C ASP A 6 -6.49 2.64 1.90
N GLU A 7 -6.20 3.35 2.96
CA GLU A 7 -4.85 3.99 3.11
C GLU A 7 -3.78 2.90 3.21
N MET A 8 -3.97 1.93 4.09
CA MET A 8 -2.96 0.83 4.23
C MET A 8 -2.87 0.05 2.91
N LEU A 9 -3.98 -0.10 2.23
CA LEU A 9 -4.01 -0.84 0.93
C LEU A 9 -3.08 -0.15 -0.07
N GLN A 10 -3.07 1.17 -0.10
CA GLN A 10 -2.19 1.90 -1.05
C GLN A 10 -0.71 1.66 -0.70
N GLY A 11 -0.41 1.44 0.57
CA GLY A 11 1.00 1.18 0.98
C GLY A 11 1.49 -0.14 0.35
N PHE A 12 0.60 -1.05 0.08
CA PHE A 12 1.00 -2.35 -0.55
C PHE A 12 1.18 -2.12 -2.05
N ALA A 13 0.34 -1.28 -2.64
CA ALA A 13 0.46 -0.98 -4.09
C ALA A 13 1.73 -0.17 -4.36
N VAL A 14 1.95 0.87 -3.58
CA VAL A 14 3.18 1.72 -3.77
C VAL A 14 4.43 0.87 -3.52
N ALA A 15 4.37 -0.02 -2.56
CA ALA A 15 5.54 -0.88 -2.24
C ALA A 15 5.72 -1.95 -3.32
N VAL A 16 4.67 -2.66 -3.66
CA VAL A 16 4.78 -3.72 -4.70
C VAL A 16 5.17 -3.10 -6.05
N LYS A 17 4.71 -1.90 -6.32
CA LYS A 17 5.06 -1.23 -7.61
C LYS A 17 6.53 -0.80 -7.59
N MET A 18 7.03 -0.36 -6.46
CA MET A 18 8.45 0.07 -6.36
C MET A 18 9.35 -1.17 -6.29
N GLY A 19 9.06 -2.09 -5.40
CA GLY A 19 9.90 -3.32 -5.27
C GLY A 19 9.18 -4.35 -4.41
N ALA A 20 9.44 -4.36 -3.12
CA ALA A 20 8.77 -5.35 -2.21
C ALA A 20 7.39 -4.85 -1.81
N THR A 21 6.39 -5.69 -1.95
CA THR A 21 4.98 -5.30 -1.59
C THR A 21 4.88 -4.95 -0.08
N LYS A 22 5.79 -5.44 0.73
CA LYS A 22 5.74 -5.13 2.19
C LYS A 22 7.02 -4.38 2.63
N ALA A 23 7.57 -3.57 1.76
CA ALA A 23 8.80 -2.80 2.12
C ALA A 23 9.12 -1.75 1.04
N ASP A 24 9.94 -2.08 0.07
CA ASP A 24 10.27 -1.10 -1.00
C ASP A 24 9.16 -1.09 -2.05
N GLN A 1 -16.92 4.19 -0.42
CA GLN A 1 -15.54 4.13 0.17
C GLN A 1 -15.62 3.56 1.59
N GLY A 2 -14.72 2.66 1.93
CA GLY A 2 -14.70 2.06 3.29
C GLY A 2 -13.37 2.37 3.98
N LEU A 3 -13.40 3.19 5.01
CA LEU A 3 -12.15 3.54 5.74
C LEU A 3 -11.46 2.27 6.26
N GLY A 4 -10.15 2.28 6.32
CA GLY A 4 -9.40 1.08 6.81
C GLY A 4 -9.00 0.22 5.61
N CYS A 5 -9.96 -0.28 4.87
CA CYS A 5 -9.66 -1.14 3.69
C CYS A 5 -9.04 -0.29 2.56
N ASP A 6 -9.62 0.86 2.28
CA ASP A 6 -9.07 1.74 1.19
C ASP A 6 -7.72 2.30 1.62
N GLU A 7 -7.61 2.74 2.86
CA GLU A 7 -6.32 3.32 3.35
C GLU A 7 -5.23 2.24 3.38
N MET A 8 -5.50 1.09 3.95
CA MET A 8 -4.48 0.00 3.98
C MET A 8 -4.11 -0.41 2.55
N LEU A 9 -5.07 -0.42 1.66
CA LEU A 9 -4.82 -0.79 0.24
C LEU A 9 -3.79 0.18 -0.36
N GLN A 10 -3.92 1.45 -0.06
CA GLN A 10 -2.95 2.46 -0.60
C GLN A 10 -1.54 2.15 -0.08
N GLY A 11 -1.42 1.60 1.11
CA GLY A 11 -0.07 1.26 1.66
C GLY A 11 0.55 0.14 0.84
N PHE A 12 -0.25 -0.74 0.29
CA PHE A 12 0.30 -1.85 -0.55
C PHE A 12 0.57 -1.30 -1.96
N ALA A 13 -0.31 -0.45 -2.44
CA ALA A 13 -0.13 0.15 -3.79
C ALA A 13 1.14 1.02 -3.81
N VAL A 14 1.34 1.80 -2.78
CA VAL A 14 2.56 2.68 -2.70
C VAL A 14 3.80 1.81 -2.49
N ALA A 15 3.70 0.77 -1.70
CA ALA A 15 4.88 -0.12 -1.44
C ALA A 15 5.23 -0.89 -2.71
N VAL A 16 4.26 -1.50 -3.34
CA VAL A 16 4.53 -2.29 -4.59
C VAL A 16 4.97 -1.35 -5.72
N LYS A 17 4.49 -0.13 -5.72
CA LYS A 17 4.87 0.83 -6.80
C LYS A 17 6.25 1.45 -6.50
N MET A 18 6.53 1.75 -5.25
CA MET A 18 7.86 2.37 -4.90
C MET A 18 8.99 1.38 -5.19
N GLY A 19 9.08 0.31 -4.45
CA GLY A 19 10.17 -0.69 -4.68
C GLY A 19 10.55 -1.37 -3.36
N ALA A 20 9.61 -2.04 -2.72
CA ALA A 20 9.91 -2.73 -1.43
C ALA A 20 9.32 -4.14 -1.47
N THR A 21 9.86 -5.04 -0.68
CA THR A 21 9.34 -6.45 -0.64
C THR A 21 7.90 -6.48 -0.12
N LYS A 22 7.60 -5.66 0.86
CA LYS A 22 6.21 -5.63 1.42
C LYS A 22 5.83 -4.19 1.79
N ALA A 23 6.64 -3.55 2.58
CA ALA A 23 6.35 -2.13 3.00
C ALA A 23 7.49 -1.21 2.53
N ASP A 24 7.16 -0.14 1.86
CA ASP A 24 8.21 0.81 1.38
C ASP A 24 8.27 2.03 2.30
N GLN A 1 -13.17 4.21 2.74
CA GLN A 1 -12.34 4.42 3.96
C GLN A 1 -11.24 5.45 3.67
N GLY A 2 -10.45 5.23 2.63
CA GLY A 2 -9.36 6.19 2.29
C GLY A 2 -8.11 5.90 3.13
N LEU A 3 -7.95 6.61 4.23
CA LEU A 3 -6.76 6.40 5.10
C LEU A 3 -6.95 5.13 5.95
N GLY A 4 -6.41 4.02 5.51
CA GLY A 4 -6.55 2.75 6.29
C GLY A 4 -6.78 1.57 5.33
N CYS A 5 -8.02 1.16 5.19
CA CYS A 5 -8.35 0.00 4.30
C CYS A 5 -7.97 0.31 2.84
N ASP A 6 -8.21 1.51 2.39
CA ASP A 6 -7.88 1.87 0.97
C ASP A 6 -6.38 2.18 0.85
N GLU A 7 -5.83 2.92 1.79
CA GLU A 7 -4.38 3.27 1.73
C GLU A 7 -3.53 2.00 1.86
N MET A 8 -3.85 1.13 2.79
CA MET A 8 -3.05 -0.13 2.95
C MET A 8 -3.04 -0.90 1.61
N LEU A 9 -4.17 -0.95 0.94
CA LEU A 9 -4.25 -1.65 -0.38
C LEU A 9 -3.29 -0.97 -1.36
N GLN A 10 -3.26 0.34 -1.38
CA GLN A 10 -2.35 1.09 -2.30
C GLN A 10 -0.89 0.80 -1.91
N GLY A 11 -0.64 0.55 -0.64
CA GLY A 11 0.75 0.26 -0.18
C GLY A 11 1.21 -1.09 -0.73
N PHE A 12 0.29 -2.02 -0.91
CA PHE A 12 0.66 -3.36 -1.46
C PHE A 12 0.87 -3.23 -2.96
N ALA A 13 0.06 -2.42 -3.62
CA ALA A 13 0.19 -2.22 -5.09
C ALA A 13 1.53 -1.55 -5.39
N VAL A 14 1.88 -0.52 -4.64
CA VAL A 14 3.19 0.18 -4.85
C VAL A 14 4.34 -0.69 -4.32
N ALA A 15 4.11 -1.41 -3.24
CA ALA A 15 5.18 -2.27 -2.65
C ALA A 15 5.46 -3.45 -3.57
N VAL A 16 4.45 -4.12 -4.05
CA VAL A 16 4.68 -5.29 -4.93
C VAL A 16 5.38 -4.85 -6.22
N LYS A 17 5.12 -3.63 -6.66
CA LYS A 17 5.77 -3.11 -7.90
C LYS A 17 7.17 -2.59 -7.57
N MET A 18 7.34 -1.96 -6.42
CA MET A 18 8.68 -1.42 -6.04
C MET A 18 9.51 -2.50 -5.33
N GLY A 19 9.10 -2.92 -4.15
CA GLY A 19 9.86 -3.99 -3.41
C GLY A 19 9.72 -3.77 -1.91
N ALA A 20 8.55 -4.03 -1.36
CA ALA A 20 8.33 -3.85 0.11
C ALA A 20 7.00 -4.51 0.52
N THR A 21 6.45 -4.13 1.65
CA THR A 21 5.15 -4.72 2.10
C THR A 21 4.03 -3.68 1.96
N LYS A 22 4.00 -2.69 2.83
CA LYS A 22 2.93 -1.64 2.75
C LYS A 22 3.57 -0.29 2.37
N ALA A 23 4.82 -0.08 2.71
CA ALA A 23 5.49 1.21 2.37
C ALA A 23 6.92 0.92 1.88
N ASP A 24 7.30 1.49 0.77
CA ASP A 24 8.68 1.26 0.22
C ASP A 24 9.63 2.32 0.79
N GLN A 1 -13.66 7.58 -1.69
CA GLN A 1 -12.75 7.60 -0.51
C GLN A 1 -13.54 7.23 0.75
N GLY A 2 -13.27 6.09 1.33
CA GLY A 2 -13.98 5.66 2.57
C GLY A 2 -13.04 5.73 3.76
N LEU A 3 -13.10 6.81 4.51
CA LEU A 3 -12.20 6.97 5.70
C LEU A 3 -12.41 5.80 6.68
N GLY A 4 -11.48 4.88 6.75
CA GLY A 4 -11.62 3.72 7.67
C GLY A 4 -11.08 2.46 7.00
N CYS A 5 -11.94 1.65 6.44
CA CYS A 5 -11.50 0.38 5.78
C CYS A 5 -11.04 0.67 4.34
N ASP A 6 -11.74 1.54 3.63
CA ASP A 6 -11.35 1.86 2.23
C ASP A 6 -10.05 2.67 2.22
N GLU A 7 -9.97 3.70 3.03
CA GLU A 7 -8.74 4.55 3.06
C GLU A 7 -7.54 3.72 3.55
N MET A 8 -7.69 2.96 4.61
CA MET A 8 -6.56 2.12 5.10
C MET A 8 -6.15 1.12 4.02
N LEU A 9 -7.12 0.55 3.32
CA LEU A 9 -6.82 -0.41 2.24
C LEU A 9 -5.99 0.28 1.14
N GLN A 10 -6.35 1.49 0.81
CA GLN A 10 -5.59 2.25 -0.23
C GLN A 10 -4.14 2.47 0.25
N GLY A 11 -3.93 2.60 1.54
CA GLY A 11 -2.54 2.79 2.06
C GLY A 11 -1.72 1.52 1.83
N PHE A 12 -2.36 0.38 1.87
CA PHE A 12 -1.62 -0.91 1.63
C PHE A 12 -1.47 -1.10 0.12
N ALA A 13 -2.49 -0.74 -0.63
CA ALA A 13 -2.43 -0.87 -2.12
C ALA A 13 -1.37 0.08 -2.67
N VAL A 14 -1.36 1.32 -2.23
CA VAL A 14 -0.35 2.30 -2.72
C VAL A 14 1.05 1.88 -2.24
N ALA A 15 1.16 1.33 -1.05
CA ALA A 15 2.48 0.91 -0.52
C ALA A 15 2.98 -0.32 -1.30
N VAL A 16 2.15 -1.32 -1.46
CA VAL A 16 2.57 -2.55 -2.20
C VAL A 16 2.82 -2.20 -3.67
N LYS A 17 2.07 -1.27 -4.22
CA LYS A 17 2.27 -0.88 -5.65
C LYS A 17 3.56 -0.06 -5.78
N MET A 18 3.81 0.82 -4.84
CA MET A 18 5.05 1.66 -4.90
C MET A 18 6.28 0.79 -4.58
N GLY A 19 6.23 0.05 -3.49
CA GLY A 19 7.38 -0.83 -3.12
C GLY A 19 8.03 -0.30 -1.83
N ALA A 20 7.30 -0.28 -0.74
CA ALA A 20 7.87 0.21 0.55
C ALA A 20 8.82 -0.85 1.11
N THR A 21 8.34 -2.07 1.27
CA THR A 21 9.22 -3.16 1.81
C THR A 21 9.23 -4.33 0.81
N LYS A 22 8.08 -4.85 0.47
CA LYS A 22 8.00 -6.00 -0.50
C LYS A 22 6.52 -6.37 -0.72
N ALA A 23 5.79 -6.55 0.35
CA ALA A 23 4.34 -6.91 0.23
C ALA A 23 3.55 -6.00 1.19
N ASP A 24 3.41 -4.74 0.86
CA ASP A 24 2.68 -3.80 1.74
C ASP A 24 1.19 -3.76 1.34
N GLN A 1 -3.74 4.61 -1.62
CA GLN A 1 -4.67 5.72 -1.99
C GLN A 1 -5.78 5.81 -0.94
N GLY A 2 -5.60 6.65 0.05
CA GLY A 2 -6.64 6.81 1.12
C GLY A 2 -6.63 5.58 2.04
N LEU A 3 -7.68 5.38 2.79
CA LEU A 3 -7.74 4.21 3.72
C LEU A 3 -9.20 3.93 4.11
N GLY A 4 -9.55 2.67 4.25
CA GLY A 4 -10.94 2.30 4.63
C GLY A 4 -11.18 0.82 4.28
N CYS A 5 -12.10 0.56 3.39
CA CYS A 5 -12.37 -0.86 2.98
C CYS A 5 -11.40 -1.24 1.85
N ASP A 6 -11.61 -0.74 0.67
CA ASP A 6 -10.69 -1.05 -0.47
C ASP A 6 -9.54 -0.03 -0.50
N GLU A 7 -9.74 1.12 0.11
CA GLU A 7 -8.67 2.17 0.12
C GLU A 7 -7.46 1.69 0.95
N MET A 8 -7.69 0.97 2.02
CA MET A 8 -6.54 0.47 2.85
C MET A 8 -5.63 -0.40 1.98
N LEU A 9 -6.21 -1.26 1.17
CA LEU A 9 -5.39 -2.12 0.26
C LEU A 9 -4.60 -1.22 -0.69
N GLN A 10 -5.22 -0.19 -1.19
CA GLN A 10 -4.51 0.75 -2.11
C GLN A 10 -3.40 1.48 -1.34
N GLY A 11 -3.60 1.71 -0.06
CA GLY A 11 -2.56 2.40 0.76
C GLY A 11 -1.32 1.50 0.88
N PHE A 12 -1.51 0.20 0.89
CA PHE A 12 -0.35 -0.74 0.98
C PHE A 12 0.27 -0.86 -0.41
N ALA A 13 -0.56 -0.89 -1.43
CA ALA A 13 -0.05 -0.99 -2.83
C ALA A 13 0.77 0.26 -3.18
N VAL A 14 0.28 1.43 -2.81
CA VAL A 14 1.02 2.69 -3.09
C VAL A 14 2.25 2.78 -2.17
N ALA A 15 2.12 2.36 -0.94
CA ALA A 15 3.29 2.41 0.00
C ALA A 15 4.36 1.41 -0.42
N VAL A 16 3.97 0.18 -0.68
CA VAL A 16 4.98 -0.85 -1.10
C VAL A 16 5.66 -0.42 -2.41
N LYS A 17 4.94 0.25 -3.28
CA LYS A 17 5.53 0.69 -4.58
C LYS A 17 6.35 1.98 -4.37
N MET A 18 5.91 2.87 -3.51
CA MET A 18 6.66 4.14 -3.27
C MET A 18 8.01 3.84 -2.64
N GLY A 19 8.02 3.17 -1.51
CA GLY A 19 9.32 2.84 -0.83
C GLY A 19 9.05 1.96 0.39
N ALA A 20 9.01 0.66 0.19
CA ALA A 20 8.75 -0.28 1.33
C ALA A 20 8.71 -1.73 0.81
N THR A 21 9.48 -2.60 1.42
CA THR A 21 9.49 -4.03 0.97
C THR A 21 8.15 -4.69 1.37
N LYS A 22 7.90 -4.79 2.65
CA LYS A 22 6.61 -5.41 3.12
C LYS A 22 6.04 -4.62 4.30
N ALA A 23 6.52 -3.41 4.54
CA ALA A 23 5.99 -2.59 5.66
C ALA A 23 4.85 -1.71 5.13
N ASP A 24 3.77 -2.33 4.73
CA ASP A 24 2.61 -1.56 4.18
C ASP A 24 1.31 -2.37 4.39
N GLN A 1 2.73 6.54 3.68
CA GLN A 1 1.76 5.73 2.90
C GLN A 1 0.55 5.37 3.78
N GLY A 2 -0.58 5.98 3.53
CA GLY A 2 -1.80 5.68 4.36
C GLY A 2 -2.55 4.48 3.75
N LEU A 3 -2.16 3.28 4.13
CA LEU A 3 -2.84 2.06 3.60
C LEU A 3 -4.21 1.91 4.26
N GLY A 4 -5.25 2.42 3.63
CA GLY A 4 -6.63 2.30 4.22
C GLY A 4 -7.36 1.12 3.58
N CYS A 5 -8.43 1.38 2.88
CA CYS A 5 -9.20 0.27 2.23
C CYS A 5 -8.59 -0.03 0.85
N ASP A 6 -8.64 0.92 -0.05
CA ASP A 6 -8.08 0.70 -1.43
C ASP A 6 -6.55 0.86 -1.39
N GLU A 7 -6.05 1.84 -0.65
CA GLU A 7 -4.57 2.05 -0.58
C GLU A 7 -3.89 0.86 0.11
N MET A 8 -4.62 0.10 0.91
CA MET A 8 -4.00 -1.08 1.58
C MET A 8 -3.38 -2.00 0.52
N LEU A 9 -4.18 -2.41 -0.45
CA LEU A 9 -3.65 -3.29 -1.54
C LEU A 9 -2.65 -2.50 -2.39
N GLN A 10 -2.95 -1.25 -2.66
CA GLN A 10 -2.02 -0.40 -3.48
C GLN A 10 -0.67 -0.23 -2.77
N GLY A 11 -0.67 -0.22 -1.45
CA GLY A 11 0.62 -0.06 -0.71
C GLY A 11 1.53 -1.26 -0.99
N PHE A 12 0.96 -2.42 -1.18
CA PHE A 12 1.80 -3.63 -1.48
C PHE A 12 2.20 -3.56 -2.96
N ALA A 13 1.31 -3.11 -3.81
CA ALA A 13 1.61 -2.99 -5.26
C ALA A 13 2.69 -1.93 -5.49
N VAL A 14 2.57 -0.79 -4.83
CA VAL A 14 3.58 0.29 -5.01
C VAL A 14 4.89 -0.08 -4.29
N ALA A 15 4.80 -0.69 -3.14
CA ALA A 15 6.04 -1.07 -2.38
C ALA A 15 6.76 -2.20 -3.11
N VAL A 16 6.05 -3.23 -3.52
CA VAL A 16 6.69 -4.37 -4.22
C VAL A 16 7.28 -3.89 -5.57
N LYS A 17 6.79 -2.80 -6.10
CA LYS A 17 7.31 -2.28 -7.40
C LYS A 17 8.51 -1.34 -7.16
N MET A 18 8.39 -0.43 -6.22
CA MET A 18 9.51 0.54 -5.95
C MET A 18 10.47 -0.06 -4.92
N GLY A 19 9.96 -0.47 -3.78
CA GLY A 19 10.83 -1.06 -2.71
C GLY A 19 10.00 -1.34 -1.47
N ALA A 20 9.95 -2.58 -1.03
CA ALA A 20 9.14 -2.94 0.18
C ALA A 20 9.75 -2.25 1.41
N THR A 21 9.12 -1.20 1.88
CA THR A 21 9.64 -0.47 3.08
C THR A 21 8.78 -0.83 4.31
N LYS A 22 7.51 -0.48 4.28
CA LYS A 22 6.62 -0.79 5.44
C LYS A 22 5.19 -1.11 4.94
N ALA A 23 5.06 -1.69 3.76
CA ALA A 23 3.71 -2.02 3.23
C ALA A 23 3.83 -3.09 2.13
N ASP A 24 3.81 -4.35 2.50
CA ASP A 24 3.92 -5.44 1.48
C ASP A 24 3.26 -6.71 2.01
N GLN A 1 -6.86 8.80 9.90
CA GLN A 1 -6.16 7.58 9.43
C GLN A 1 -6.97 6.91 8.31
N GLY A 2 -6.46 6.94 7.10
CA GLY A 2 -7.20 6.32 5.95
C GLY A 2 -6.40 5.13 5.41
N LEU A 3 -6.13 4.16 6.26
CA LEU A 3 -5.36 2.96 5.80
C LEU A 3 -5.92 1.70 6.48
N GLY A 4 -6.88 1.08 5.86
CA GLY A 4 -7.49 -0.16 6.45
C GLY A 4 -6.89 -1.39 5.77
N CYS A 5 -7.71 -2.29 5.32
CA CYS A 5 -7.21 -3.53 4.65
C CYS A 5 -6.97 -3.26 3.15
N ASP A 6 -7.85 -2.53 2.51
CA ASP A 6 -7.69 -2.23 1.06
C ASP A 6 -6.67 -1.11 0.86
N GLU A 7 -6.73 -0.08 1.66
CA GLU A 7 -5.77 1.07 1.50
C GLU A 7 -4.34 0.58 1.76
N MET A 8 -4.13 -0.19 2.81
CA MET A 8 -2.75 -0.72 3.07
C MET A 8 -2.33 -1.59 1.89
N LEU A 9 -3.25 -2.38 1.38
CA LEU A 9 -2.94 -3.26 0.21
C LEU A 9 -2.57 -2.38 -1.00
N GLN A 10 -3.33 -1.34 -1.24
CA GLN A 10 -3.03 -0.43 -2.39
C GLN A 10 -1.66 0.22 -2.17
N GLY A 11 -1.28 0.45 -0.93
CA GLY A 11 0.05 1.07 -0.65
C GLY A 11 1.16 0.10 -1.07
N PHE A 12 0.90 -1.19 -1.00
CA PHE A 12 1.93 -2.19 -1.42
C PHE A 12 1.88 -2.34 -2.94
N ALA A 13 0.69 -2.29 -3.51
CA ALA A 13 0.55 -2.39 -4.99
C ALA A 13 1.28 -1.22 -5.66
N VAL A 14 1.12 -0.03 -5.11
CA VAL A 14 1.81 1.17 -5.69
C VAL A 14 3.29 1.14 -5.28
N ALA A 15 3.60 0.69 -4.08
CA ALA A 15 5.02 0.62 -3.63
C ALA A 15 5.77 -0.42 -4.44
N VAL A 16 5.23 -1.62 -4.55
CA VAL A 16 5.92 -2.69 -5.33
C VAL A 16 6.06 -2.25 -6.79
N LYS A 17 5.11 -1.49 -7.29
CA LYS A 17 5.21 -0.99 -8.70
C LYS A 17 6.41 -0.06 -8.83
N MET A 18 6.69 0.71 -7.80
CA MET A 18 7.85 1.64 -7.83
C MET A 18 9.14 0.89 -7.44
N GLY A 19 9.09 0.12 -6.37
CA GLY A 19 10.30 -0.64 -5.93
C GLY A 19 9.92 -1.66 -4.85
N ALA A 20 10.07 -1.29 -3.59
CA ALA A 20 9.73 -2.24 -2.48
C ALA A 20 8.21 -2.34 -2.30
N THR A 21 7.71 -3.55 -2.18
CA THR A 21 6.23 -3.75 -2.00
C THR A 21 5.80 -3.30 -0.59
N LYS A 22 6.67 -3.46 0.39
CA LYS A 22 6.31 -3.05 1.79
C LYS A 22 6.13 -1.53 1.85
N ALA A 23 7.03 -0.79 1.26
CA ALA A 23 6.94 0.70 1.26
C ALA A 23 7.94 1.28 0.25
N ASP A 24 7.46 2.09 -0.67
CA ASP A 24 8.37 2.70 -1.68
C ASP A 24 7.81 4.05 -2.13
N GLN A 1 -10.02 8.69 -0.83
CA GLN A 1 -9.18 8.19 0.28
C GLN A 1 -10.05 7.45 1.31
N GLY A 2 -9.60 6.31 1.78
CA GLY A 2 -10.40 5.54 2.78
C GLY A 2 -9.45 4.95 3.84
N LEU A 3 -9.23 5.67 4.91
CA LEU A 3 -8.31 5.17 5.98
C LEU A 3 -8.87 3.86 6.57
N GLY A 4 -8.23 2.75 6.27
CA GLY A 4 -8.72 1.44 6.79
C GLY A 4 -8.61 0.37 5.70
N CYS A 5 -9.65 0.20 4.92
CA CYS A 5 -9.64 -0.83 3.83
C CYS A 5 -9.02 -0.24 2.56
N ASP A 6 -9.33 0.99 2.22
CA ASP A 6 -8.76 1.62 0.99
C ASP A 6 -7.29 1.95 1.20
N GLU A 7 -6.95 2.56 2.32
CA GLU A 7 -5.52 2.94 2.58
C GLU A 7 -4.66 1.67 2.70
N MET A 8 -5.13 0.68 3.42
CA MET A 8 -4.32 -0.59 3.56
C MET A 8 -4.15 -1.21 2.16
N LEU A 9 -5.19 -1.18 1.35
CA LEU A 9 -5.11 -1.74 -0.02
C LEU A 9 -4.03 -0.99 -0.81
N GLN A 10 -3.98 0.32 -0.66
CA GLN A 10 -2.95 1.12 -1.38
C GLN A 10 -1.56 0.73 -0.87
N GLY A 11 -1.44 0.36 0.38
CA GLY A 11 -0.12 -0.05 0.94
C GLY A 11 0.35 -1.34 0.25
N PHE A 12 -0.58 -2.20 -0.12
CA PHE A 12 -0.19 -3.46 -0.82
C PHE A 12 0.05 -3.14 -2.30
N ALA A 13 -0.75 -2.25 -2.85
CA ALA A 13 -0.59 -1.85 -4.28
C ALA A 13 0.75 -1.12 -4.47
N VAL A 14 1.06 -0.18 -3.60
CA VAL A 14 2.35 0.56 -3.71
C VAL A 14 3.54 -0.40 -3.48
N ALA A 15 3.39 -1.33 -2.58
CA ALA A 15 4.50 -2.31 -2.31
C ALA A 15 4.75 -3.19 -3.53
N VAL A 16 3.70 -3.76 -4.08
CA VAL A 16 3.86 -4.65 -5.26
C VAL A 16 4.21 -3.81 -6.50
N LYS A 17 3.71 -2.61 -6.59
CA LYS A 17 4.01 -1.73 -7.77
C LYS A 17 5.46 -1.24 -7.70
N MET A 18 5.93 -0.88 -6.53
CA MET A 18 7.33 -0.39 -6.39
C MET A 18 8.30 -1.58 -6.35
N GLY A 19 7.94 -2.64 -5.66
CA GLY A 19 8.82 -3.83 -5.58
C GLY A 19 9.57 -3.82 -4.24
N ALA A 20 8.87 -3.60 -3.15
CA ALA A 20 9.54 -3.57 -1.82
C ALA A 20 8.55 -4.05 -0.74
N THR A 21 8.91 -5.09 -0.03
CA THR A 21 8.00 -5.63 1.05
C THR A 21 8.19 -4.81 2.33
N LYS A 22 9.40 -4.78 2.85
CA LYS A 22 9.66 -4.00 4.10
C LYS A 22 9.96 -2.53 3.74
N ALA A 23 8.99 -1.86 3.18
CA ALA A 23 9.17 -0.42 2.78
C ALA A 23 7.88 0.12 2.15
N ASP A 24 7.66 -0.15 0.87
CA ASP A 24 6.41 0.34 0.20
C ASP A 24 5.23 -0.53 0.63
#